data_8FIT
#
_entry.id   8FIT
#
_cell.length_a   44.117
_cell.length_b   45.369
_cell.length_c   61.803
_cell.angle_alpha   109.269
_cell.angle_beta   94.537
_cell.angle_gamma   104.093
#
_symmetry.space_group_name_H-M   'P 1'
#
loop_
_entity.id
_entity.type
_entity.pdbx_description
1 polymer cs074A
2 water water
#
_entity_poly.entity_id   1
_entity_poly.type   'polypeptide(L)'
_entity_poly.pdbx_seq_one_letter_code
;DEEVQEAVERAEELREEAEELIKKARKTGDPELLRKALEALKEAVRAVKEAIKRNPDNEEAVKTAVRLARELLKVAEELK
ERAEKTGDPRLLLLAAEAIAWAIEAVFLAAKASENTEGALEAARAAVKLAEVAKRIAKLLQRDAKKEGDPELLKLALRAL
ELAVRAVELAIKENPDNEEAVETAKRLAEELRKVAELLEERAKETGDPELQELAKRAKEVADRARELAKKSNPNNSEEQE
AARLLELAVEDLKLVLDALEKRR
;
_entity_poly.pdbx_strand_id   A,B,C,D
#
# COMPACT_ATOMS: atom_id res chain seq x y z
N GLU A 2 26.94 3.28 17.24
CA GLU A 2 27.05 4.70 16.92
C GLU A 2 25.81 5.20 16.18
N GLU A 3 25.58 4.68 14.98
CA GLU A 3 24.37 5.05 14.25
C GLU A 3 23.12 4.59 15.01
N VAL A 4 23.19 3.42 15.64
CA VAL A 4 22.08 2.95 16.46
C VAL A 4 21.89 3.87 17.67
N GLN A 5 23.00 4.35 18.24
CA GLN A 5 22.90 5.27 19.37
C GLN A 5 22.20 6.56 18.98
N GLU A 6 22.53 7.11 17.81
CA GLU A 6 21.92 8.36 17.38
C GLU A 6 20.44 8.18 17.09
N ALA A 7 20.05 7.02 16.56
CA ALA A 7 18.63 6.77 16.29
C ALA A 7 17.84 6.63 17.58
N VAL A 8 18.43 5.98 18.59
CA VAL A 8 17.75 5.85 19.88
C VAL A 8 17.63 7.20 20.56
N GLU A 9 18.69 8.01 20.52
CA GLU A 9 18.63 9.34 21.11
C GLU A 9 17.61 10.22 20.40
N ARG A 10 17.62 10.21 19.07
CA ARG A 10 16.66 11.01 18.31
C ARG A 10 15.22 10.55 18.56
N ALA A 11 15.03 9.25 18.82
CA ALA A 11 13.70 8.76 19.14
C ALA A 11 13.24 9.25 20.51
N GLU A 12 14.17 9.33 21.48
CA GLU A 12 13.81 9.82 22.80
C GLU A 12 13.55 11.32 22.78
N GLU A 13 14.18 12.05 21.86
CA GLU A 13 13.93 13.48 21.74
C GLU A 13 12.49 13.76 21.34
N LEU A 14 11.94 12.94 20.45
CA LEU A 14 10.58 13.16 19.97
C LEU A 14 9.54 12.66 20.98
N ARG A 15 9.88 11.68 21.81
CA ARG A 15 8.93 11.17 22.77
C ARG A 15 8.64 12.18 23.87
N GLU A 16 9.69 12.76 24.45
CA GLU A 16 9.50 13.77 25.48
C GLU A 16 8.84 15.02 24.91
N GLU A 17 9.07 15.31 23.63
CA GLU A 17 8.38 16.43 22.99
C GLU A 17 6.89 16.14 22.83
N ALA A 18 6.55 14.92 22.41
CA ALA A 18 5.16 14.52 22.33
C ALA A 18 4.52 14.36 23.71
N GLU A 19 5.34 14.11 24.74
CA GLU A 19 4.80 14.00 26.09
C GLU A 19 4.25 15.33 26.58
N GLU A 20 4.90 16.43 26.22
CA GLU A 20 4.43 17.75 26.62
C GLU A 20 3.22 18.20 25.82
N LEU A 21 3.07 17.69 24.59
CA LEU A 21 1.89 18.02 23.80
C LEU A 21 0.63 17.39 24.37
N ILE A 22 0.75 16.20 24.98
CA ILE A 22 -0.41 15.55 25.56
C ILE A 22 -0.84 16.28 26.83
N LYS A 23 0.12 16.64 27.68
CA LYS A 23 -0.21 17.40 28.89
C LYS A 23 -0.83 18.75 28.53
N LYS A 24 -0.42 19.35 27.42
CA LYS A 24 -1.07 20.55 26.94
C LYS A 24 -2.42 20.25 26.31
N ALA A 25 -2.55 19.08 25.66
CA ALA A 25 -3.82 18.70 25.06
C ALA A 25 -4.85 18.34 26.12
N ARG A 26 -4.42 17.74 27.24
CA ARG A 26 -5.36 17.44 28.32
C ARG A 26 -6.04 18.70 28.84
N LYS A 27 -5.31 19.82 28.90
CA LYS A 27 -5.86 21.09 29.37
C LYS A 27 -6.79 21.70 28.32
N THR A 28 -7.86 20.98 27.99
CA THR A 28 -8.82 21.40 26.97
C THR A 28 -8.09 21.79 25.68
N GLY A 29 -7.29 20.86 25.17
CA GLY A 29 -6.38 21.17 24.09
C GLY A 29 -6.95 20.88 22.71
N ASP A 30 -6.17 21.28 21.71
CA ASP A 30 -6.54 21.11 20.31
C ASP A 30 -6.29 19.66 19.90
N PRO A 31 -7.23 19.02 19.20
CA PRO A 31 -6.95 17.68 18.63
C PRO A 31 -5.73 17.66 17.74
N GLU A 32 -5.34 18.82 17.22
CA GLU A 32 -4.10 18.93 16.46
C GLU A 32 -2.89 18.74 17.35
N LEU A 33 -2.99 19.13 18.63
CA LEU A 33 -1.91 18.86 19.56
C LEU A 33 -1.72 17.36 19.78
N LEU A 34 -2.82 16.62 19.77
CA LEU A 34 -2.72 15.16 19.84
C LEU A 34 -2.18 14.58 18.54
N ARG A 35 -2.50 15.20 17.39
CA ARG A 35 -1.95 14.73 16.12
C ARG A 35 -0.48 15.05 16.01
N LYS A 36 -0.07 16.25 16.47
CA LYS A 36 1.34 16.58 16.48
C LYS A 36 2.13 15.62 17.36
N ALA A 37 1.56 15.24 18.51
CA ALA A 37 2.19 14.22 19.34
C ALA A 37 2.19 12.88 18.63
N LEU A 38 1.15 12.58 17.86
CA LEU A 38 1.10 11.33 17.11
C LEU A 38 2.17 11.32 16.02
N GLU A 39 2.29 12.40 15.26
CA GLU A 39 3.28 12.46 14.18
C GLU A 39 4.69 12.38 14.73
N ALA A 40 4.94 12.99 15.88
CA ALA A 40 6.27 12.91 16.49
C ALA A 40 6.57 11.50 16.98
N LEU A 41 5.55 10.82 17.54
CA LEU A 41 5.77 9.46 18.02
C LEU A 41 5.98 8.49 16.87
N LYS A 42 5.26 8.66 15.76
CA LYS A 42 5.41 7.77 14.63
C LYS A 42 6.83 7.83 14.07
N GLU A 43 7.37 9.04 13.91
CA GLU A 43 8.75 9.17 13.46
C GLU A 43 9.73 8.60 14.49
N ALA A 44 9.38 8.68 15.77
CA ALA A 44 10.21 8.08 16.80
C ALA A 44 10.19 6.55 16.72
N VAL A 45 9.06 5.97 16.31
CA VAL A 45 9.00 4.53 16.12
C VAL A 45 9.82 4.12 14.91
N ARG A 46 9.86 4.97 13.87
CA ARG A 46 10.72 4.70 12.72
C ARG A 46 12.18 4.81 13.10
N ALA A 47 12.51 5.58 14.14
CA ALA A 47 13.90 5.70 14.57
C ALA A 47 14.37 4.44 15.28
N VAL A 48 13.56 3.92 16.21
CA VAL A 48 13.94 2.71 16.92
C VAL A 48 13.92 1.50 16.00
N LYS A 49 13.03 1.50 15.01
CA LYS A 49 13.07 0.43 14.00
C LYS A 49 14.38 0.46 13.23
N GLU A 50 14.83 1.65 12.85
CA GLU A 50 16.14 1.79 12.22
C GLU A 50 17.28 1.48 13.18
N ALA A 51 17.03 1.55 14.49
CA ALA A 51 18.04 1.25 15.49
C ALA A 51 18.05 -0.23 15.87
N ILE A 52 16.87 -0.83 16.06
CA ILE A 52 16.81 -2.26 16.35
C ILE A 52 17.39 -3.05 15.19
N LYS A 53 17.10 -2.64 13.96
CA LYS A 53 17.80 -3.19 12.81
C LYS A 53 19.27 -2.76 12.86
N ARG A 54 20.15 -3.67 12.43
CA ARG A 54 21.61 -3.57 12.47
C ARG A 54 22.15 -3.79 13.87
N ASN A 55 21.33 -3.77 14.92
CA ASN A 55 21.78 -4.06 16.27
C ASN A 55 20.59 -4.42 17.16
N PRO A 56 20.05 -5.64 17.06
CA PRO A 56 18.98 -6.04 17.97
C PRO A 56 19.50 -6.33 19.37
N ASP A 57 18.60 -6.64 20.30
CA ASP A 57 18.90 -6.93 21.69
C ASP A 57 19.59 -5.77 22.41
N ASN A 58 19.66 -4.60 21.79
CA ASN A 58 20.14 -3.40 22.46
C ASN A 58 19.10 -2.95 23.45
N GLU A 59 19.36 -3.18 24.75
CA GLU A 59 18.36 -2.91 25.77
C GLU A 59 17.92 -1.45 25.77
N GLU A 60 18.80 -0.53 25.39
CA GLU A 60 18.40 0.86 25.28
C GLU A 60 17.38 1.06 24.16
N ALA A 61 17.57 0.38 23.04
CA ALA A 61 16.60 0.45 21.95
C ALA A 61 15.32 -0.31 22.29
N VAL A 62 15.44 -1.42 23.03
CA VAL A 62 14.26 -2.17 23.43
C VAL A 62 13.44 -1.38 24.46
N LYS A 63 14.12 -0.79 25.45
CA LYS A 63 13.42 0.04 26.42
C LYS A 63 12.78 1.24 25.75
N THR A 64 13.48 1.88 24.81
CA THR A 64 12.93 3.03 24.11
C THR A 64 11.67 2.65 23.33
N ALA A 65 11.67 1.47 22.71
CA ALA A 65 10.50 1.02 21.98
C ALA A 65 9.32 0.78 22.90
N VAL A 66 9.57 0.39 24.15
CA VAL A 66 8.49 0.20 25.11
C VAL A 66 7.97 1.54 25.60
N ARG A 67 8.86 2.52 25.81
CA ARG A 67 8.43 3.85 26.22
C ARG A 67 7.59 4.52 25.15
N LEU A 68 7.87 4.24 23.88
CA LEU A 68 7.06 4.79 22.80
C LEU A 68 5.66 4.17 22.81
N ALA A 69 5.57 2.86 23.06
CA ALA A 69 4.26 2.20 23.07
C ALA A 69 3.38 2.76 24.19
N ARG A 70 3.98 3.09 25.33
CA ARG A 70 3.20 3.70 26.41
C ARG A 70 2.77 5.11 26.05
N GLU A 71 3.66 5.89 25.45
CA GLU A 71 3.30 7.24 25.02
C GLU A 71 2.33 7.21 23.85
N LEU A 72 2.42 6.20 22.99
CA LEU A 72 1.45 6.07 21.90
C LEU A 72 0.06 5.77 22.42
N LEU A 73 -0.04 5.01 23.51
CA LEU A 73 -1.34 4.77 24.12
C LEU A 73 -1.88 5.99 24.84
N LYS A 74 -1.02 6.90 25.28
CA LYS A 74 -1.50 8.13 25.88
C LYS A 74 -2.20 9.01 24.85
N VAL A 75 -1.65 9.08 23.63
CA VAL A 75 -2.35 9.75 22.55
C VAL A 75 -3.65 9.02 22.24
N ALA A 76 -3.60 7.69 22.16
CA ALA A 76 -4.80 6.92 21.91
C ALA A 76 -5.80 7.05 23.04
N GLU A 77 -5.32 7.12 24.28
CA GLU A 77 -6.21 7.27 25.43
C GLU A 77 -7.03 8.54 25.32
N GLU A 78 -6.36 9.69 25.13
CA GLU A 78 -7.08 10.95 25.08
C GLU A 78 -7.88 11.09 23.79
N LEU A 79 -7.42 10.48 22.69
CA LEU A 79 -8.17 10.55 21.45
C LEU A 79 -9.49 9.80 21.57
N LYS A 80 -9.51 8.68 22.29
CA LYS A 80 -10.77 7.97 22.51
C LYS A 80 -11.70 8.77 23.40
N GLU A 81 -11.16 9.41 24.44
CA GLU A 81 -11.99 10.21 25.34
C GLU A 81 -12.60 11.40 24.61
N ARG A 82 -11.78 12.14 23.85
CA ARG A 82 -12.30 13.28 23.10
C ARG A 82 -13.18 12.85 21.94
N ALA A 83 -13.03 11.61 21.45
CA ALA A 83 -13.93 11.11 20.42
C ALA A 83 -15.28 10.69 21.00
N GLU A 84 -15.32 10.33 22.28
CA GLU A 84 -16.59 9.99 22.91
C GLU A 84 -17.38 11.23 23.31
N LYS A 85 -16.71 12.38 23.50
CA LYS A 85 -17.40 13.63 23.76
C LYS A 85 -17.94 14.24 22.46
N THR A 86 -17.04 14.50 21.50
CA THR A 86 -17.45 15.09 20.23
C THR A 86 -18.30 14.13 19.41
N GLY A 87 -18.00 12.84 19.48
CA GLY A 87 -18.65 11.88 18.61
C GLY A 87 -18.05 11.80 17.21
N ASP A 88 -16.94 12.47 16.98
CA ASP A 88 -16.34 12.53 15.65
C ASP A 88 -15.64 11.22 15.34
N PRO A 89 -16.05 10.49 14.29
CA PRO A 89 -15.31 9.27 13.91
C PRO A 89 -13.91 9.55 13.41
N ARG A 90 -13.59 10.80 13.07
CA ARG A 90 -12.22 11.13 12.65
C ARG A 90 -11.24 10.88 13.79
N LEU A 91 -11.57 11.30 15.01
CA LEU A 91 -10.70 11.06 16.15
C LEU A 91 -10.59 9.57 16.46
N LEU A 92 -11.62 8.80 16.15
CA LEU A 92 -11.52 7.34 16.27
C LEU A 92 -10.50 6.78 15.29
N LEU A 93 -10.34 7.42 14.14
CA LEU A 93 -9.31 7.01 13.19
C LEU A 93 -7.92 7.33 13.72
N LEU A 94 -7.72 8.54 14.23
CA LEU A 94 -6.43 8.91 14.80
C LEU A 94 -6.09 8.05 16.01
N ALA A 95 -7.10 7.72 16.82
CA ALA A 95 -6.87 6.84 17.96
C ALA A 95 -6.46 5.44 17.50
N ALA A 96 -7.03 4.97 16.40
CA ALA A 96 -6.65 3.66 15.87
C ALA A 96 -5.24 3.69 15.30
N GLU A 97 -4.79 4.83 14.79
CA GLU A 97 -3.42 4.95 14.31
C GLU A 97 -2.43 4.91 15.46
N ALA A 98 -2.75 5.59 16.57
CA ALA A 98 -1.87 5.58 17.74
C ALA A 98 -1.72 4.17 18.30
N ILE A 99 -2.77 3.35 18.24
CA ILE A 99 -2.66 1.98 18.68
C ILE A 99 -1.85 1.16 17.68
N ALA A 100 -2.05 1.40 16.38
CA ALA A 100 -1.35 0.64 15.35
C ALA A 100 0.16 0.77 15.51
N TRP A 101 0.64 2.01 15.64
CA TRP A 101 2.07 2.20 15.86
C TRP A 101 2.51 1.70 17.23
N ALA A 102 1.59 1.65 18.19
CA ALA A 102 1.90 1.01 19.47
C ALA A 102 2.03 -0.50 19.31
N ILE A 103 1.22 -1.10 18.43
CA ILE A 103 1.37 -2.51 18.12
C ILE A 103 2.72 -2.79 17.49
N GLU A 104 3.13 -1.93 16.56
CA GLU A 104 4.44 -2.08 15.92
C GLU A 104 5.57 -1.93 16.94
N ALA A 105 5.46 -0.91 17.80
CA ALA A 105 6.51 -0.66 18.78
C ALA A 105 6.64 -1.83 19.76
N VAL A 106 5.52 -2.40 20.18
CA VAL A 106 5.58 -3.54 21.10
C VAL A 106 5.98 -4.81 20.35
N PHE A 107 5.68 -4.89 19.04
CA PHE A 107 6.09 -6.05 18.27
C PHE A 107 7.57 -6.02 17.94
N LEU A 108 8.15 -4.83 17.77
CA LEU A 108 9.58 -4.72 17.53
C LEU A 108 10.37 -5.15 18.76
N ALA A 109 10.02 -4.62 19.93
CA ALA A 109 10.77 -4.93 21.13
C ALA A 109 10.58 -6.38 21.56
N ALA A 110 9.36 -6.91 21.42
CA ALA A 110 9.11 -8.30 21.82
C ALA A 110 9.86 -9.26 20.92
N LYS A 111 9.92 -8.98 19.61
CA LYS A 111 10.66 -9.85 18.71
C LYS A 111 12.16 -9.66 18.88
N ALA A 112 12.61 -8.44 19.16
CA ALA A 112 14.05 -8.21 19.36
C ALA A 112 14.54 -8.86 20.64
N SER A 113 13.75 -8.80 21.71
CA SER A 113 14.11 -9.44 22.97
C SER A 113 13.76 -10.93 22.98
N GLU A 114 13.37 -11.49 21.83
CA GLU A 114 13.05 -12.91 21.69
C GLU A 114 11.93 -13.30 22.66
N ASN A 115 10.96 -12.42 22.85
CA ASN A 115 9.82 -12.67 23.73
C ASN A 115 8.65 -13.12 22.86
N THR A 116 8.65 -14.41 22.51
CA THR A 116 7.56 -14.99 21.74
C THR A 116 6.23 -14.89 22.47
N GLU A 117 6.25 -14.80 23.81
CA GLU A 117 5.02 -14.63 24.57
C GLU A 117 4.29 -13.35 24.16
N GLY A 118 4.97 -12.22 24.27
CA GLY A 118 4.36 -10.95 23.91
C GLY A 118 4.32 -10.66 22.42
N ALA A 119 5.22 -11.28 21.65
CA ALA A 119 5.22 -11.06 20.21
C ALA A 119 3.96 -11.63 19.57
N LEU A 120 3.55 -12.83 19.99
CA LEU A 120 2.30 -13.39 19.49
C LEU A 120 1.09 -12.66 20.07
N GLU A 121 1.21 -12.13 21.29
CA GLU A 121 0.13 -11.33 21.86
C GLU A 121 -0.07 -10.03 21.09
N ALA A 122 1.02 -9.42 20.61
CA ALA A 122 0.90 -8.21 19.82
C ALA A 122 0.26 -8.49 18.46
N ALA A 123 0.48 -9.69 17.91
CA ALA A 123 -0.15 -10.04 16.64
C ALA A 123 -1.64 -10.28 16.81
N ARG A 124 -2.07 -10.82 17.95
CA ARG A 124 -3.49 -11.02 18.19
C ARG A 124 -4.21 -9.70 18.38
N ALA A 125 -3.56 -8.74 19.05
CA ALA A 125 -4.17 -7.42 19.23
C ALA A 125 -4.27 -6.66 17.91
N ALA A 126 -3.33 -6.90 16.99
CA ALA A 126 -3.43 -6.28 15.67
C ALA A 126 -4.64 -6.79 14.91
N VAL A 127 -5.03 -8.05 15.13
CA VAL A 127 -6.23 -8.59 14.51
C VAL A 127 -7.47 -7.95 15.12
N LYS A 128 -7.47 -7.78 16.45
CA LYS A 128 -8.57 -7.07 17.09
C LYS A 128 -8.65 -5.63 16.65
N LEU A 129 -7.49 -4.97 16.48
CA LEU A 129 -7.48 -3.61 15.96
C LEU A 129 -7.99 -3.55 14.52
N ALA A 130 -7.77 -4.62 13.75
CA ALA A 130 -8.21 -4.64 12.36
C ALA A 130 -9.73 -4.57 12.27
N GLU A 131 -10.42 -5.40 13.06
CA GLU A 131 -11.88 -5.37 13.06
C GLU A 131 -12.43 -4.05 13.61
N VAL A 132 -11.65 -3.34 14.44
CA VAL A 132 -12.07 -2.02 14.88
C VAL A 132 -11.98 -1.02 13.74
N ALA A 133 -10.83 -1.00 13.05
CA ALA A 133 -10.66 -0.07 11.94
C ALA A 133 -11.64 -0.34 10.81
N LYS A 134 -12.12 -1.57 10.70
CA LYS A 134 -13.17 -1.87 9.72
C LYS A 134 -14.50 -1.25 10.16
N ARG A 135 -14.87 -1.44 11.43
CA ARG A 135 -16.08 -0.82 11.94
C ARG A 135 -15.98 0.70 11.92
N ILE A 136 -14.78 1.23 12.19
CA ILE A 136 -14.58 2.68 12.07
C ILE A 136 -14.76 3.12 10.63
N ALA A 137 -14.29 2.30 9.68
CA ALA A 137 -14.52 2.61 8.28
C ALA A 137 -15.99 2.49 7.90
N LYS A 138 -16.67 1.48 8.45
CA LYS A 138 -18.12 1.37 8.24
C LYS A 138 -18.86 2.58 8.78
N LEU A 139 -18.35 3.17 9.86
CA LEU A 139 -18.98 4.36 10.44
C LEU A 139 -18.72 5.60 9.58
N LEU A 140 -17.50 5.73 9.06
CA LEU A 140 -17.18 6.87 8.21
C LEU A 140 -17.88 6.81 6.87
N GLN A 141 -18.32 5.62 6.44
CA GLN A 141 -19.11 5.54 5.21
C GLN A 141 -20.52 6.06 5.43
N ARG A 142 -21.08 5.83 6.62
CA ARG A 142 -22.42 6.33 6.91
C ARG A 142 -22.43 7.85 7.03
N ASP A 143 -21.45 8.43 7.74
CA ASP A 143 -21.41 9.87 7.90
C ASP A 143 -21.00 10.58 6.62
N ALA A 144 -20.28 9.90 5.73
CA ALA A 144 -19.99 10.46 4.41
C ALA A 144 -21.22 10.48 3.53
N LYS A 145 -22.19 9.60 3.78
CA LYS A 145 -23.44 9.58 3.04
C LYS A 145 -24.53 10.38 3.73
N LYS A 146 -24.55 10.37 5.07
CA LYS A 146 -25.56 11.12 5.81
C LYS A 146 -25.25 12.61 5.78
N GLU A 147 -24.03 13.00 6.15
CA GLU A 147 -23.66 14.41 6.20
C GLU A 147 -22.99 14.90 4.93
N GLY A 148 -22.73 14.02 3.97
CA GLY A 148 -22.19 14.41 2.68
C GLY A 148 -20.85 15.13 2.75
N ASP A 149 -19.78 14.37 2.95
CA ASP A 149 -18.44 14.95 3.02
C ASP A 149 -17.47 14.09 2.24
N PRO A 150 -16.83 14.63 1.20
CA PRO A 150 -15.85 13.83 0.45
C PRO A 150 -14.63 13.45 1.27
N GLU A 151 -14.27 14.25 2.27
CA GLU A 151 -13.12 13.92 3.11
C GLU A 151 -13.34 12.63 3.88
N LEU A 152 -14.58 12.35 4.27
CA LEU A 152 -14.86 11.19 5.12
C LEU A 152 -14.67 9.88 4.38
N LEU A 153 -14.83 9.88 3.04
CA LEU A 153 -14.54 8.68 2.28
C LEU A 153 -13.04 8.41 2.18
N LYS A 154 -12.23 9.47 2.11
CA LYS A 154 -10.79 9.29 2.15
C LYS A 154 -10.36 8.70 3.48
N LEU A 155 -10.93 9.19 4.59
CA LEU A 155 -10.60 8.66 5.91
C LEU A 155 -11.13 7.24 6.08
N ALA A 156 -12.23 6.89 5.41
CA ALA A 156 -12.71 5.51 5.44
C ALA A 156 -11.71 4.57 4.78
N LEU A 157 -11.09 5.01 3.68
CA LEU A 157 -10.05 4.22 3.04
C LEU A 157 -8.80 4.16 3.90
N ARG A 158 -8.43 5.28 4.52
CA ARG A 158 -7.27 5.30 5.41
C ARG A 158 -7.50 4.39 6.62
N ALA A 159 -8.74 4.27 7.09
CA ALA A 159 -9.03 3.35 8.18
C ALA A 159 -8.86 1.91 7.73
N LEU A 160 -9.21 1.60 6.48
CA LEU A 160 -9.02 0.25 5.97
C LEU A 160 -7.57 -0.01 5.57
N GLU A 161 -6.83 1.02 5.16
CA GLU A 161 -5.44 0.81 4.78
C GLU A 161 -4.59 0.42 5.99
N LEU A 162 -4.77 1.10 7.13
CA LEU A 162 -4.07 0.69 8.33
C LEU A 162 -4.61 -0.62 8.89
N ALA A 163 -5.87 -0.96 8.59
CA ALA A 163 -6.40 -2.26 8.96
C ALA A 163 -5.71 -3.37 8.17
N VAL A 164 -5.36 -3.11 6.90
CA VAL A 164 -4.62 -4.10 6.12
C VAL A 164 -3.19 -4.22 6.64
N ARG A 165 -2.58 -3.09 7.03
CA ARG A 165 -1.25 -3.15 7.63
C ARG A 165 -1.27 -3.88 8.96
N ALA A 166 -2.40 -3.87 9.66
CA ALA A 166 -2.49 -4.58 10.94
C ALA A 166 -2.49 -6.09 10.73
N VAL A 167 -3.34 -6.58 9.82
CA VAL A 167 -3.36 -8.01 9.56
C VAL A 167 -2.09 -8.44 8.85
N GLU A 168 -1.45 -7.52 8.12
CA GLU A 168 -0.16 -7.83 7.51
C GLU A 168 0.90 -8.12 8.56
N LEU A 169 0.78 -7.50 9.74
CA LEU A 169 1.72 -7.77 10.82
C LEU A 169 1.46 -9.13 11.46
N ALA A 170 0.20 -9.51 11.62
CA ALA A 170 -0.12 -10.80 12.23
C ALA A 170 0.09 -11.96 11.28
N ILE A 171 -0.12 -11.76 9.98
CA ILE A 171 0.09 -12.83 9.01
C ILE A 171 1.58 -13.11 8.84
N LYS A 172 2.41 -12.06 8.84
CA LYS A 172 3.86 -12.25 8.75
C LYS A 172 4.39 -13.06 9.91
N GLU A 173 3.79 -12.91 11.09
CA GLU A 173 4.24 -13.68 12.26
C GLU A 173 3.70 -15.10 12.22
N ASN A 174 2.42 -15.26 11.92
CA ASN A 174 1.79 -16.57 11.79
C ASN A 174 0.85 -16.56 10.59
N PRO A 175 1.26 -17.13 9.46
CA PRO A 175 0.40 -17.12 8.26
C PRO A 175 -0.81 -18.03 8.38
N ASP A 176 -0.83 -18.96 9.34
CA ASP A 176 -1.92 -19.93 9.48
C ASP A 176 -2.95 -19.50 10.53
N ASN A 177 -3.20 -18.20 10.66
CA ASN A 177 -4.20 -17.67 11.59
C ASN A 177 -5.43 -17.29 10.78
N GLU A 178 -6.47 -18.13 10.83
CA GLU A 178 -7.64 -17.91 10.00
C GLU A 178 -8.44 -16.70 10.46
N GLU A 179 -8.38 -16.36 11.76
CA GLU A 179 -9.07 -15.15 12.21
C GLU A 179 -8.44 -13.91 11.59
N ALA A 180 -7.11 -13.90 11.44
CA ALA A 180 -6.46 -12.84 10.68
C ALA A 180 -6.66 -13.04 9.18
N VAL A 181 -6.82 -14.29 8.74
CA VAL A 181 -7.09 -14.57 7.34
C VAL A 181 -8.51 -14.14 6.98
N GLU A 182 -9.49 -14.50 7.82
CA GLU A 182 -10.86 -14.07 7.57
C GLU A 182 -10.99 -12.54 7.61
N THR A 183 -10.35 -11.90 8.59
CA THR A 183 -10.38 -10.45 8.66
C THR A 183 -9.79 -9.82 7.40
N ALA A 184 -8.73 -10.41 6.87
CA ALA A 184 -8.18 -9.93 5.60
C ALA A 184 -9.20 -10.09 4.48
N LYS A 185 -9.98 -11.17 4.51
CA LYS A 185 -11.06 -11.32 3.54
C LYS A 185 -12.19 -10.33 3.81
N ARG A 186 -12.43 -10.00 5.08
CA ARG A 186 -13.45 -9.01 5.41
C ARG A 186 -13.02 -7.61 4.99
N LEU A 187 -11.73 -7.29 5.19
CA LEU A 187 -11.23 -5.98 4.76
C LEU A 187 -11.20 -5.85 3.25
N ALA A 188 -10.93 -6.96 2.54
CA ALA A 188 -10.88 -6.91 1.09
C ALA A 188 -12.23 -6.54 0.50
N GLU A 189 -13.31 -7.17 0.99
CA GLU A 189 -14.63 -6.85 0.48
C GLU A 189 -15.09 -5.46 0.91
N GLU A 190 -14.66 -5.00 2.09
CA GLU A 190 -14.98 -3.65 2.51
C GLU A 190 -14.23 -2.60 1.71
N LEU A 191 -13.01 -2.93 1.26
CA LEU A 191 -12.27 -2.01 0.40
C LEU A 191 -12.93 -1.86 -0.96
N ARG A 192 -13.57 -2.92 -1.47
CA ARG A 192 -14.27 -2.80 -2.73
C ARG A 192 -15.55 -1.99 -2.59
N LYS A 193 -16.18 -2.01 -1.42
CA LYS A 193 -17.35 -1.16 -1.19
C LYS A 193 -16.96 0.31 -1.19
N VAL A 194 -15.86 0.66 -0.51
CA VAL A 194 -15.39 2.03 -0.51
C VAL A 194 -14.94 2.44 -1.91
N ALA A 195 -14.34 1.50 -2.64
CA ALA A 195 -13.91 1.81 -4.01
C ALA A 195 -15.10 2.11 -4.90
N GLU A 196 -16.22 1.42 -4.69
CA GLU A 196 -17.43 1.74 -5.44
C GLU A 196 -18.03 3.07 -5.02
N LEU A 197 -17.91 3.42 -3.73
CA LEU A 197 -18.36 4.73 -3.28
C LEU A 197 -17.50 5.84 -3.88
N LEU A 198 -16.18 5.61 -3.95
CA LEU A 198 -15.29 6.65 -4.45
C LEU A 198 -15.46 6.86 -5.95
N GLU A 199 -15.68 5.78 -6.71
CA GLU A 199 -15.82 5.91 -8.15
C GLU A 199 -17.14 6.56 -8.53
N GLU A 200 -18.22 6.22 -7.81
CA GLU A 200 -19.52 6.83 -8.09
C GLU A 200 -19.48 8.34 -7.89
N ARG A 201 -18.99 8.78 -6.72
CA ARG A 201 -18.88 10.20 -6.47
C ARG A 201 -17.86 10.86 -7.39
N ALA A 202 -16.87 10.10 -7.85
CA ALA A 202 -15.90 10.66 -8.79
C ALA A 202 -16.55 10.91 -10.15
N LYS A 203 -17.40 9.98 -10.61
CA LYS A 203 -18.07 10.17 -11.89
C LYS A 203 -18.98 11.39 -11.85
N GLU A 204 -19.52 11.73 -10.69
CA GLU A 204 -20.42 12.88 -10.61
C GLU A 204 -19.66 14.20 -10.55
N THR A 205 -18.47 14.20 -9.95
CA THR A 205 -17.73 15.44 -9.73
C THR A 205 -16.36 15.45 -10.41
N GLY A 206 -16.00 14.41 -11.17
CA GLY A 206 -14.69 14.33 -11.78
C GLY A 206 -13.62 14.19 -10.71
N ASP A 207 -12.69 15.17 -10.67
CA ASP A 207 -11.66 15.33 -9.65
C ASP A 207 -10.63 14.21 -9.71
N PRO A 208 -9.33 14.55 -9.79
CA PRO A 208 -8.32 13.49 -9.83
C PRO A 208 -8.19 12.71 -8.53
N GLU A 209 -8.42 13.35 -7.38
CA GLU A 209 -8.21 12.67 -6.11
C GLU A 209 -9.21 11.53 -5.92
N LEU A 210 -10.49 11.79 -6.21
CA LEU A 210 -11.51 10.76 -6.06
C LEU A 210 -11.26 9.59 -7.00
N GLN A 211 -10.74 9.86 -8.19
CA GLN A 211 -10.43 8.77 -9.12
C GLN A 211 -9.19 8.00 -8.66
N GLU A 212 -8.18 8.72 -8.17
CA GLU A 212 -6.94 8.04 -7.76
C GLU A 212 -7.15 7.19 -6.52
N LEU A 213 -7.91 7.68 -5.54
CA LEU A 213 -8.14 6.88 -4.34
C LEU A 213 -9.10 5.74 -4.61
N ALA A 214 -9.98 5.88 -5.60
CA ALA A 214 -10.83 4.75 -6.00
C ALA A 214 -9.99 3.62 -6.59
N LYS A 215 -8.91 3.96 -7.30
CA LYS A 215 -8.00 2.95 -7.81
C LYS A 215 -7.13 2.38 -6.70
N ARG A 216 -6.70 3.22 -5.76
CA ARG A 216 -5.88 2.74 -4.65
C ARG A 216 -6.67 1.81 -3.73
N ALA A 217 -7.98 2.05 -3.57
CA ALA A 217 -8.79 1.18 -2.73
C ALA A 217 -8.84 -0.24 -3.28
N LYS A 218 -8.99 -0.37 -4.61
CA LYS A 218 -9.00 -1.70 -5.20
C LYS A 218 -7.63 -2.37 -5.13
N GLU A 219 -6.56 -1.58 -5.19
CA GLU A 219 -5.21 -2.15 -5.13
C GLU A 219 -4.85 -2.57 -3.71
N VAL A 220 -5.34 -1.86 -2.69
CA VAL A 220 -5.17 -2.32 -1.32
C VAL A 220 -6.00 -3.58 -1.08
N ALA A 221 -7.17 -3.65 -1.70
CA ALA A 221 -7.99 -4.87 -1.62
C ALA A 221 -7.28 -6.06 -2.21
N ASP A 222 -6.40 -5.83 -3.19
CA ASP A 222 -5.61 -6.93 -3.74
C ASP A 222 -4.59 -7.44 -2.74
N ARG A 223 -3.92 -6.54 -2.02
CA ARG A 223 -2.96 -6.96 -1.00
C ARG A 223 -3.67 -7.72 0.11
N ALA A 224 -4.81 -7.20 0.57
CA ALA A 224 -5.59 -7.90 1.59
C ALA A 224 -6.11 -9.23 1.06
N ARG A 225 -6.39 -9.32 -0.25
CA ARG A 225 -6.80 -10.59 -0.83
C ARG A 225 -5.62 -11.55 -0.96
N GLU A 226 -4.42 -11.03 -1.19
CA GLU A 226 -3.24 -11.88 -1.13
C GLU A 226 -3.02 -12.41 0.28
N LEU A 227 -3.25 -11.57 1.29
CA LEU A 227 -3.12 -12.02 2.68
C LEU A 227 -4.18 -13.03 3.04
N ALA A 228 -5.39 -12.91 2.48
CA ALA A 228 -6.47 -13.82 2.83
C ALA A 228 -6.25 -15.20 2.22
N LYS A 229 -6.03 -15.25 0.91
CA LYS A 229 -5.87 -16.54 0.24
C LYS A 229 -4.59 -17.25 0.65
N LYS A 230 -3.60 -16.51 1.15
CA LYS A 230 -2.35 -17.12 1.62
C LYS A 230 -2.36 -17.25 3.13
N GLN B 239 7.45 -5.93 29.79
CA GLN B 239 6.76 -6.38 28.59
C GLN B 239 5.26 -6.50 28.83
N GLU B 240 4.80 -5.99 29.98
CA GLU B 240 3.39 -6.07 30.33
C GLU B 240 2.50 -5.22 29.42
N ALA B 241 3.10 -4.43 28.52
CA ALA B 241 2.30 -3.66 27.57
C ALA B 241 1.48 -4.55 26.65
N ALA B 242 1.91 -5.80 26.45
CA ALA B 242 1.13 -6.73 25.63
C ALA B 242 -0.29 -6.89 26.17
N ARG B 243 -0.43 -7.01 27.49
CA ARG B 243 -1.75 -7.03 28.10
C ARG B 243 -2.38 -5.64 28.18
N LEU B 244 -1.56 -4.59 28.15
CA LEU B 244 -2.08 -3.22 28.19
C LEU B 244 -2.62 -2.80 26.84
N LEU B 245 -1.98 -3.23 25.75
CA LEU B 245 -2.44 -2.83 24.43
C LEU B 245 -3.73 -3.54 24.05
N GLU B 246 -3.87 -4.82 24.43
CA GLU B 246 -5.10 -5.54 24.11
C GLU B 246 -6.30 -4.96 24.84
N LEU B 247 -6.09 -4.27 25.97
CA LEU B 247 -7.17 -3.54 26.60
C LEU B 247 -7.48 -2.25 25.84
N ALA B 248 -6.46 -1.63 25.23
CA ALA B 248 -6.70 -0.42 24.46
C ALA B 248 -7.50 -0.72 23.20
N VAL B 249 -7.19 -1.83 22.52
CA VAL B 249 -7.97 -2.20 21.35
C VAL B 249 -9.37 -2.65 21.75
N GLU B 250 -9.52 -3.17 22.98
CA GLU B 250 -10.84 -3.54 23.47
C GLU B 250 -11.58 -2.34 24.05
N ASP B 251 -10.85 -1.37 24.58
CA ASP B 251 -11.48 -0.12 25.00
C ASP B 251 -12.04 0.64 23.80
N LEU B 252 -11.29 0.69 22.70
CA LEU B 252 -11.78 1.34 21.50
C LEU B 252 -12.98 0.60 20.92
N LYS B 253 -13.08 -0.70 21.17
CA LYS B 253 -14.26 -1.45 20.74
C LYS B 253 -15.52 -0.93 21.40
N LEU B 254 -15.48 -0.76 22.73
CA LEU B 254 -16.66 -0.29 23.45
C LEU B 254 -16.93 1.19 23.16
N VAL B 255 -15.88 1.99 22.94
CA VAL B 255 -16.08 3.39 22.61
C VAL B 255 -16.69 3.53 21.21
N LEU B 256 -16.20 2.73 20.25
CA LEU B 256 -16.79 2.73 18.92
C LEU B 256 -18.25 2.26 18.97
N ASP B 257 -18.53 1.21 19.73
CA ASP B 257 -19.90 0.73 19.86
C ASP B 257 -20.78 1.69 20.64
N ALA B 258 -20.19 2.53 21.50
CA ALA B 258 -20.95 3.51 22.24
C ALA B 258 -21.34 4.73 21.40
N LEU B 259 -20.82 4.85 20.18
CA LEU B 259 -21.16 5.98 19.33
C LEU B 259 -22.59 5.88 18.80
N GLU B 260 -23.21 4.70 18.89
CA GLU B 260 -24.59 4.55 18.44
C GLU B 260 -25.53 5.46 19.24
N LYS B 261 -25.24 5.65 20.51
CA LYS B 261 -26.07 6.49 21.37
C LYS B 261 -25.66 7.96 21.26
N GLU C 2 -17.24 -24.56 -12.30
CA GLU C 2 -18.01 -24.05 -11.18
C GLU C 2 -17.90 -22.53 -11.10
N GLU C 3 -17.29 -22.01 -10.03
CA GLU C 3 -17.08 -20.58 -9.90
C GLU C 3 -16.10 -20.05 -10.95
N VAL C 4 -15.30 -20.93 -11.54
CA VAL C 4 -14.39 -20.52 -12.61
C VAL C 4 -15.18 -20.09 -13.83
N GLN C 5 -16.32 -20.73 -14.10
CA GLN C 5 -17.11 -20.39 -15.27
C GLN C 5 -17.69 -18.98 -15.16
N GLU C 6 -18.04 -18.55 -13.94
CA GLU C 6 -18.54 -17.20 -13.77
C GLU C 6 -17.45 -16.16 -13.95
N ALA C 7 -16.23 -16.47 -13.46
CA ALA C 7 -15.15 -15.50 -13.54
C ALA C 7 -14.66 -15.31 -14.97
N VAL C 8 -14.64 -16.38 -15.78
CA VAL C 8 -14.23 -16.23 -17.17
C VAL C 8 -15.28 -15.48 -17.98
N GLU C 9 -16.54 -15.49 -17.54
CA GLU C 9 -17.55 -14.66 -18.18
C GLU C 9 -17.44 -13.21 -17.74
N ARG C 10 -16.98 -12.98 -16.50
CA ARG C 10 -16.70 -11.62 -16.07
C ARG C 10 -15.55 -11.03 -16.86
N ALA C 11 -14.45 -11.78 -16.99
CA ALA C 11 -13.30 -11.29 -17.73
C ALA C 11 -13.62 -11.10 -19.20
N GLU C 12 -14.46 -11.96 -19.77
CA GLU C 12 -14.86 -11.79 -21.15
C GLU C 12 -15.70 -10.52 -21.33
N GLU C 13 -16.62 -10.26 -20.40
CA GLU C 13 -17.37 -9.00 -20.42
C GLU C 13 -16.44 -7.80 -20.33
N LEU C 14 -15.49 -7.85 -19.40
CA LEU C 14 -14.58 -6.73 -19.21
C LEU C 14 -13.62 -6.56 -20.39
N ARG C 15 -13.26 -7.66 -21.06
CA ARG C 15 -12.42 -7.55 -22.24
C ARG C 15 -13.18 -6.93 -23.40
N GLU C 16 -14.48 -7.22 -23.52
CA GLU C 16 -15.30 -6.59 -24.54
C GLU C 16 -15.39 -5.08 -24.31
N GLU C 17 -15.63 -4.67 -23.06
CA GLU C 17 -15.68 -3.25 -22.75
C GLU C 17 -14.33 -2.58 -23.00
N ALA C 18 -13.24 -3.27 -22.69
CA ALA C 18 -11.91 -2.72 -22.95
C ALA C 18 -11.67 -2.56 -24.44
N GLU C 19 -12.13 -3.52 -25.24
CA GLU C 19 -11.99 -3.42 -26.69
C GLU C 19 -12.67 -2.17 -27.22
N GLU C 20 -13.90 -1.93 -26.79
CA GLU C 20 -14.64 -0.75 -27.25
C GLU C 20 -13.94 0.54 -26.83
N LEU C 21 -13.38 0.55 -25.62
CA LEU C 21 -12.69 1.75 -25.14
C LEU C 21 -11.38 1.97 -25.89
N ILE C 22 -10.69 0.88 -26.25
CA ILE C 22 -9.45 1.02 -27.00
C ILE C 22 -9.70 1.61 -28.38
N LYS C 23 -10.78 1.17 -29.03
CA LYS C 23 -11.14 1.72 -30.35
C LYS C 23 -11.47 3.20 -30.25
N LYS C 24 -12.31 3.57 -29.27
CA LYS C 24 -12.71 4.96 -29.13
C LYS C 24 -11.55 5.85 -28.69
N ALA C 25 -10.62 5.31 -27.90
CA ALA C 25 -9.49 6.11 -27.46
C ALA C 25 -8.55 6.42 -28.62
N ARG C 26 -8.33 5.45 -29.51
CA ARG C 26 -7.48 5.69 -30.67
C ARG C 26 -8.13 6.62 -31.67
N LYS C 27 -9.47 6.67 -31.69
CA LYS C 27 -10.17 7.62 -32.55
C LYS C 27 -10.09 9.03 -31.99
N THR C 28 -10.18 9.17 -30.66
CA THR C 28 -10.12 10.48 -30.03
C THR C 28 -8.69 10.87 -29.70
N PRO C 31 -7.52 9.56 -23.68
CA PRO C 31 -6.63 9.09 -22.61
C PRO C 31 -7.39 8.49 -21.43
N GLU C 32 -8.53 9.09 -21.08
CA GLU C 32 -9.32 8.57 -19.97
C GLU C 32 -10.04 7.28 -20.34
N LEU C 33 -10.21 7.01 -21.63
CA LEU C 33 -10.88 5.78 -22.04
C LEU C 33 -9.98 4.56 -21.87
N LEU C 34 -8.71 4.69 -22.23
CA LEU C 34 -7.80 3.56 -22.05
C LEU C 34 -7.43 3.37 -20.59
N ARG C 35 -7.48 4.43 -19.78
CA ARG C 35 -7.30 4.26 -18.35
C ARG C 35 -8.43 3.44 -17.75
N LYS C 36 -9.66 3.62 -18.26
CA LYS C 36 -10.78 2.79 -17.82
C LYS C 36 -10.71 1.41 -18.44
N ALA C 37 -10.16 1.29 -19.64
CA ALA C 37 -9.94 -0.02 -20.24
C ALA C 37 -8.87 -0.79 -19.47
N LEU C 38 -7.87 -0.09 -18.95
CA LEU C 38 -6.89 -0.73 -18.09
C LEU C 38 -7.54 -1.23 -16.81
N GLU C 39 -8.37 -0.39 -16.18
CA GLU C 39 -9.02 -0.79 -14.94
C GLU C 39 -10.00 -1.93 -15.16
N ALA C 40 -10.64 -1.99 -16.32
CA ALA C 40 -11.51 -3.11 -16.64
C ALA C 40 -10.71 -4.39 -16.83
N LEU C 41 -9.54 -4.29 -17.48
CA LEU C 41 -8.68 -5.45 -17.61
C LEU C 41 -8.10 -5.87 -16.26
N LYS C 42 -7.76 -4.90 -15.41
CA LYS C 42 -7.30 -5.22 -14.07
C LYS C 42 -8.37 -5.97 -13.28
N GLU C 43 -9.63 -5.52 -13.40
CA GLU C 43 -10.73 -6.25 -12.76
C GLU C 43 -10.90 -7.64 -13.36
N ALA C 44 -10.59 -7.79 -14.66
CA ALA C 44 -10.69 -9.10 -15.29
C ALA C 44 -9.60 -10.04 -14.81
N VAL C 45 -8.39 -9.51 -14.61
CA VAL C 45 -7.30 -10.34 -14.08
C VAL C 45 -7.61 -10.73 -12.64
N ARG C 46 -8.20 -9.82 -11.87
CA ARG C 46 -8.60 -10.15 -10.50
C ARG C 46 -9.67 -11.23 -10.47
N ALA C 47 -10.52 -11.29 -11.51
CA ALA C 47 -11.57 -12.29 -11.56
C ALA C 47 -11.01 -13.66 -11.92
N VAL C 48 -10.18 -13.73 -12.96
CA VAL C 48 -9.64 -15.02 -13.38
C VAL C 48 -8.66 -15.55 -12.33
N LYS C 49 -8.03 -14.65 -11.56
CA LYS C 49 -7.16 -15.11 -10.49
C LYS C 49 -7.95 -15.86 -9.41
N GLU C 50 -9.05 -15.25 -8.95
CA GLU C 50 -9.91 -15.93 -7.97
C GLU C 50 -10.42 -17.26 -8.50
N ALA C 51 -10.56 -17.38 -9.82
CA ALA C 51 -11.00 -18.64 -10.41
C ALA C 51 -9.88 -19.67 -10.43
N ILE C 52 -8.68 -19.24 -10.85
CA ILE C 52 -7.55 -20.18 -10.93
C ILE C 52 -7.12 -20.63 -9.53
N LYS C 53 -7.21 -19.73 -8.55
CA LYS C 53 -6.97 -20.14 -7.17
C LYS C 53 -7.96 -21.21 -6.71
N ARG C 54 -9.12 -21.28 -7.33
CA ARG C 54 -10.11 -22.31 -7.01
C ARG C 54 -10.16 -23.38 -8.09
N GLU C 59 -7.49 -24.39 -15.37
CA GLU C 59 -7.81 -25.01 -16.66
C GLU C 59 -8.81 -24.15 -17.44
N GLU C 60 -8.61 -24.08 -18.75
CA GLU C 60 -9.41 -23.25 -19.66
C GLU C 60 -9.25 -21.76 -19.37
N ALA C 61 -9.24 -21.38 -18.09
CA ALA C 61 -8.94 -20.01 -17.71
C ALA C 61 -7.52 -19.60 -18.03
N VAL C 62 -6.65 -20.56 -18.39
CA VAL C 62 -5.31 -20.23 -18.85
C VAL C 62 -5.38 -19.42 -20.13
N LYS C 63 -6.17 -19.89 -21.10
CA LYS C 63 -6.39 -19.11 -22.31
C LYS C 63 -7.11 -17.81 -22.03
N THR C 64 -7.97 -17.80 -21.00
CA THR C 64 -8.64 -16.56 -20.63
C THR C 64 -7.65 -15.54 -20.10
N ALA C 65 -6.67 -15.98 -19.31
CA ALA C 65 -5.65 -15.05 -18.81
C ALA C 65 -4.75 -14.56 -19.92
N VAL C 66 -4.44 -15.43 -20.90
CA VAL C 66 -3.61 -15.01 -22.02
C VAL C 66 -4.33 -13.97 -22.87
N ARG C 67 -5.64 -14.16 -23.07
CA ARG C 67 -6.42 -13.16 -23.80
C ARG C 67 -6.42 -11.82 -23.07
N LEU C 68 -6.41 -11.85 -21.73
CA LEU C 68 -6.33 -10.60 -20.97
C LEU C 68 -4.96 -9.96 -21.11
N ALA C 69 -3.90 -10.77 -21.09
CA ALA C 69 -2.54 -10.22 -21.24
C ALA C 69 -2.33 -9.64 -22.64
N ARG C 70 -3.04 -10.17 -23.63
CA ARG C 70 -2.93 -9.61 -24.98
C ARG C 70 -3.52 -8.21 -25.04
N GLU C 71 -4.75 -8.04 -24.56
CA GLU C 71 -5.38 -6.72 -24.58
C GLU C 71 -4.66 -5.75 -23.65
N LEU C 72 -4.04 -6.24 -22.59
CA LEU C 72 -3.26 -5.37 -21.71
C LEU C 72 -2.06 -4.78 -22.44
N LEU C 73 -1.52 -5.48 -23.44
CA LEU C 73 -0.45 -4.92 -24.24
C LEU C 73 -0.97 -3.91 -25.26
N LYS C 74 -2.22 -4.07 -25.71
CA LYS C 74 -2.82 -3.07 -26.59
C LYS C 74 -3.03 -1.74 -25.86
N VAL C 75 -3.35 -1.80 -24.57
CA VAL C 75 -3.51 -0.57 -23.80
C VAL C 75 -2.17 0.10 -23.58
N ALA C 76 -1.13 -0.69 -23.32
CA ALA C 76 0.20 -0.13 -23.08
C ALA C 76 0.74 0.54 -24.34
N GLU C 77 0.51 -0.06 -25.51
CA GLU C 77 1.00 0.52 -26.76
C GLU C 77 0.42 1.90 -26.98
N GLU C 78 -0.91 2.02 -26.96
CA GLU C 78 -1.54 3.33 -27.16
C GLU C 78 -1.18 4.30 -26.05
N LEU C 79 -0.84 3.79 -24.86
CA LEU C 79 -0.33 4.66 -23.81
C LEU C 79 1.06 5.18 -24.17
N LYS C 80 1.92 4.31 -24.70
CA LYS C 80 3.24 4.74 -25.15
C LYS C 80 3.14 5.64 -26.37
N GLU C 81 2.09 5.48 -27.18
CA GLU C 81 1.94 6.29 -28.39
C GLU C 81 1.69 7.75 -28.05
N ARG C 82 0.76 8.02 -27.13
CA ARG C 82 0.48 9.38 -26.71
C ARG C 82 1.42 9.87 -25.62
N ALA C 83 2.43 9.06 -25.24
CA ALA C 83 3.36 9.46 -24.20
C ALA C 83 4.19 10.68 -24.57
N GLU C 84 4.22 11.07 -25.84
CA GLU C 84 4.87 12.32 -26.21
C GLU C 84 4.13 13.52 -25.63
N LYS C 85 2.80 13.42 -25.56
CA LYS C 85 2.00 14.47 -24.96
C LYS C 85 1.43 14.01 -23.63
N GLY C 87 0.52 14.24 -20.53
CA GLY C 87 1.07 14.02 -19.21
C GLY C 87 2.49 13.49 -19.23
N ASP C 88 2.97 13.18 -20.45
CA ASP C 88 4.29 12.64 -20.79
C ASP C 88 4.69 11.47 -19.88
N PRO C 89 5.41 11.60 -18.74
CA PRO C 89 5.76 10.38 -18.01
C PRO C 89 4.58 9.73 -17.31
N ARG C 90 3.47 10.44 -17.10
CA ARG C 90 2.31 9.84 -16.46
C ARG C 90 1.79 8.67 -17.29
N LEU C 91 1.71 8.85 -18.60
CA LEU C 91 1.22 7.79 -19.47
C LEU C 91 2.20 6.61 -19.50
N LEU C 92 3.49 6.87 -19.27
CA LEU C 92 4.46 5.78 -19.25
C LEU C 92 4.21 4.88 -18.04
N LEU C 93 3.90 5.46 -16.89
CA LEU C 93 3.61 4.64 -15.71
C LEU C 93 2.34 3.83 -15.91
N LEU C 94 1.31 4.44 -16.50
CA LEU C 94 0.10 3.69 -16.82
C LEU C 94 0.39 2.60 -17.84
N ALA C 95 1.35 2.84 -18.75
CA ALA C 95 1.75 1.80 -19.69
C ALA C 95 2.54 0.70 -18.97
N ALA C 96 3.46 1.08 -18.09
CA ALA C 96 4.19 0.09 -17.31
C ALA C 96 3.27 -0.66 -16.34
N GLU C 97 2.24 0.03 -15.85
CA GLU C 97 1.26 -0.63 -15.00
C GLU C 97 0.42 -1.63 -15.79
N ALA C 98 0.25 -1.39 -17.10
CA ALA C 98 -0.54 -2.29 -17.92
C ALA C 98 0.16 -3.63 -18.12
N ILE C 99 1.42 -3.59 -18.58
CA ILE C 99 2.16 -4.83 -18.80
C ILE C 99 2.54 -5.49 -17.48
N ALA C 100 2.54 -4.74 -16.37
CA ALA C 100 2.74 -5.36 -15.07
C ALA C 100 1.62 -6.34 -14.74
N TRP C 101 0.38 -5.95 -15.02
CA TRP C 101 -0.74 -6.88 -14.88
C TRP C 101 -0.70 -7.96 -15.95
N ALA C 102 -0.10 -7.66 -17.11
CA ALA C 102 0.05 -8.68 -18.15
C ALA C 102 1.04 -9.76 -17.72
N ILE C 103 2.14 -9.36 -17.09
CA ILE C 103 3.06 -10.34 -16.52
C ILE C 103 2.37 -11.15 -15.43
N GLU C 104 1.59 -10.48 -14.58
CA GLU C 104 0.80 -11.19 -13.58
C GLU C 104 -0.21 -12.12 -14.21
N ALA C 105 -0.72 -11.77 -15.39
CA ALA C 105 -1.74 -12.60 -16.04
C ALA C 105 -1.15 -13.88 -16.60
N VAL C 106 0.01 -13.78 -17.28
CA VAL C 106 0.62 -14.98 -17.85
C VAL C 106 1.30 -15.81 -16.78
N PHE C 107 1.99 -15.16 -15.83
CA PHE C 107 2.56 -15.90 -14.70
C PHE C 107 1.49 -16.65 -13.94
N LEU C 108 0.27 -16.09 -13.87
CA LEU C 108 -0.85 -16.83 -13.30
C LEU C 108 -1.23 -18.01 -14.19
N ALA C 109 -1.26 -17.81 -15.50
CA ALA C 109 -1.62 -18.89 -16.41
C ALA C 109 -0.50 -19.93 -16.53
N ALA C 110 0.76 -19.50 -16.42
CA ALA C 110 1.87 -20.44 -16.53
C ALA C 110 1.94 -21.33 -15.28
N LYS C 111 1.82 -20.73 -14.10
CA LYS C 111 1.80 -21.51 -12.87
C LYS C 111 0.54 -22.38 -12.76
N ALA C 112 -0.54 -22.00 -13.44
CA ALA C 112 -1.75 -22.82 -13.43
C ALA C 112 -1.59 -24.04 -14.32
N SER C 113 -1.09 -23.84 -15.55
CA SER C 113 -0.86 -24.94 -16.48
C SER C 113 0.43 -25.71 -16.16
N GLU C 114 1.04 -25.46 -15.00
CA GLU C 114 2.26 -26.15 -14.58
C GLU C 114 3.38 -25.96 -15.59
N ASN C 115 3.43 -24.78 -16.21
CA ASN C 115 4.39 -24.48 -17.27
C ASN C 115 5.58 -23.75 -16.64
N THR C 116 6.61 -24.53 -16.29
CA THR C 116 7.83 -23.93 -15.77
C THR C 116 8.56 -23.12 -16.85
N GLU C 117 8.46 -23.55 -18.10
CA GLU C 117 9.12 -22.84 -19.19
C GLU C 117 8.50 -21.47 -19.41
N GLY C 118 7.17 -21.37 -19.27
CA GLY C 118 6.50 -20.09 -19.45
C GLY C 118 6.50 -19.23 -18.21
N ALA C 119 6.60 -19.83 -17.03
CA ALA C 119 6.62 -19.05 -15.79
C ALA C 119 7.97 -18.36 -15.59
N LEU C 120 9.06 -19.04 -15.92
CA LEU C 120 10.39 -18.42 -15.82
C LEU C 120 10.53 -17.27 -16.81
N GLU C 121 9.81 -17.31 -17.92
CA GLU C 121 9.84 -16.20 -18.86
C GLU C 121 9.09 -14.99 -18.31
N ALA C 122 8.06 -15.23 -17.49
CA ALA C 122 7.31 -14.13 -16.89
C ALA C 122 8.20 -13.36 -15.90
N ALA C 123 8.88 -14.07 -15.01
CA ALA C 123 9.83 -13.42 -14.11
C ALA C 123 10.98 -12.80 -14.88
N ARG C 124 11.34 -13.40 -16.01
CA ARG C 124 12.35 -12.80 -16.89
C ARG C 124 11.91 -11.44 -17.39
N ALA C 125 10.65 -11.32 -17.80
CA ALA C 125 10.10 -10.02 -18.18
C ALA C 125 9.80 -9.13 -16.97
N ALA C 126 9.62 -9.73 -15.80
CA ALA C 126 9.37 -8.93 -14.60
C ALA C 126 10.62 -8.17 -14.18
N VAL C 127 11.78 -8.81 -14.26
CA VAL C 127 13.04 -8.12 -13.97
C VAL C 127 13.32 -7.06 -15.03
N LYS C 128 12.99 -7.35 -16.29
CA LYS C 128 13.13 -6.36 -17.34
C LYS C 128 12.23 -5.16 -17.08
N LEU C 129 10.99 -5.39 -16.63
CA LEU C 129 10.08 -4.29 -16.32
C LEU C 129 10.55 -3.50 -15.10
N ALA C 130 11.27 -4.17 -14.18
CA ALA C 130 11.74 -3.46 -12.99
C ALA C 130 12.73 -2.36 -13.35
N GLU C 131 13.62 -2.62 -14.31
CA GLU C 131 14.56 -1.58 -14.72
C GLU C 131 13.87 -0.43 -15.45
N VAL C 132 12.78 -0.74 -16.17
CA VAL C 132 12.06 0.32 -16.89
C VAL C 132 11.35 1.24 -15.91
N ALA C 133 10.62 0.65 -14.94
CA ALA C 133 9.94 1.46 -13.94
C ALA C 133 10.92 2.24 -13.09
N LYS C 134 12.15 1.76 -12.96
CA LYS C 134 13.17 2.50 -12.23
C LYS C 134 13.57 3.76 -12.98
N ARG C 135 13.73 3.67 -14.30
CA ARG C 135 14.08 4.84 -15.09
C ARG C 135 12.89 5.80 -15.21
N ILE C 136 11.68 5.26 -15.31
CA ILE C 136 10.48 6.10 -15.31
C ILE C 136 10.42 6.91 -14.01
N ALA C 137 10.80 6.29 -12.89
CA ALA C 137 10.89 7.04 -11.64
C ALA C 137 11.99 8.09 -11.69
N LYS C 138 13.04 7.84 -12.47
CA LYS C 138 14.08 8.84 -12.65
C LYS C 138 13.59 10.00 -13.51
N LEU C 139 12.87 9.70 -14.59
CA LEU C 139 12.31 10.76 -15.42
C LEU C 139 11.26 11.57 -14.65
N LEU C 140 10.53 10.94 -13.74
CA LEU C 140 9.51 11.65 -12.99
C LEU C 140 10.14 12.59 -11.96
N GLN C 141 11.25 12.18 -11.34
CA GLN C 141 11.88 13.03 -10.34
C GLN C 141 12.58 14.23 -10.98
N ARG C 142 13.01 14.09 -12.24
CA ARG C 142 13.63 15.22 -12.93
C ARG C 142 12.58 16.25 -13.33
N ASP C 143 11.51 15.82 -13.98
CA ASP C 143 10.46 16.74 -14.40
C ASP C 143 9.80 17.41 -13.20
N ALA C 144 9.62 16.65 -12.11
CA ALA C 144 9.09 17.25 -10.90
C ALA C 144 10.04 18.29 -10.32
N LYS C 145 11.35 18.09 -10.49
CA LYS C 145 12.31 19.05 -9.96
C LYS C 145 12.32 20.33 -10.77
N LYS C 146 11.91 20.27 -12.04
CA LYS C 146 11.95 21.45 -12.90
C LYS C 146 10.98 22.53 -12.43
N GLU C 147 9.71 22.17 -12.24
CA GLU C 147 8.68 23.14 -11.87
C GLU C 147 8.04 22.87 -10.51
N GLY C 148 7.98 21.61 -10.08
CA GLY C 148 7.29 21.27 -8.85
C GLY C 148 6.44 20.02 -9.01
N ASP C 149 5.13 20.21 -9.11
CA ASP C 149 4.16 19.14 -9.38
C ASP C 149 4.39 17.97 -8.43
N PRO C 150 3.94 18.05 -7.18
CA PRO C 150 4.17 16.95 -6.24
C PRO C 150 3.53 15.64 -6.66
N GLU C 151 2.56 15.67 -7.58
CA GLU C 151 1.98 14.44 -8.09
C GLU C 151 3.02 13.60 -8.82
N LEU C 152 3.95 14.26 -9.52
CA LEU C 152 4.99 13.53 -10.24
C LEU C 152 5.92 12.80 -9.29
N LEU C 153 6.12 13.32 -8.08
CA LEU C 153 6.90 12.58 -7.09
C LEU C 153 6.12 11.40 -6.53
N LYS C 154 4.80 11.54 -6.40
CA LYS C 154 3.98 10.40 -5.99
C LYS C 154 4.03 9.29 -7.03
N LEU C 155 4.04 9.67 -8.31
CA LEU C 155 4.14 8.67 -9.37
C LEU C 155 5.54 8.09 -9.46
N ALA C 156 6.56 8.88 -9.09
CA ALA C 156 7.92 8.34 -9.04
C ALA C 156 8.03 7.27 -7.96
N LEU C 157 7.35 7.46 -6.83
CA LEU C 157 7.31 6.42 -5.80
C LEU C 157 6.46 5.24 -6.26
N ARG C 158 5.34 5.52 -6.93
CA ARG C 158 4.46 4.45 -7.40
C ARG C 158 5.16 3.59 -8.47
N ALA C 159 5.99 4.21 -9.30
CA ALA C 159 6.72 3.44 -10.30
C ALA C 159 7.68 2.46 -9.64
N LEU C 160 8.32 2.88 -8.53
CA LEU C 160 9.23 1.98 -7.83
C LEU C 160 8.47 0.90 -7.06
N GLU C 161 7.28 1.22 -6.55
CA GLU C 161 6.48 0.20 -5.88
C GLU C 161 6.10 -0.92 -6.83
N LEU C 162 5.69 -0.58 -8.05
CA LEU C 162 5.43 -1.60 -9.05
C LEU C 162 6.71 -2.32 -9.45
N ALA C 163 7.84 -1.61 -9.47
CA ALA C 163 9.11 -2.25 -9.76
C ALA C 163 9.49 -3.24 -8.67
N VAL C 164 9.28 -2.88 -7.41
CA VAL C 164 9.52 -3.81 -6.31
C VAL C 164 8.56 -4.99 -6.41
N ARG C 165 7.30 -4.73 -6.73
CA ARG C 165 6.34 -5.81 -6.94
C ARG C 165 6.76 -6.73 -8.08
N ALA C 166 7.42 -6.18 -9.10
CA ALA C 166 7.91 -7.01 -10.19
C ALA C 166 9.09 -7.86 -9.74
N VAL C 167 10.02 -7.27 -8.98
CA VAL C 167 11.12 -8.05 -8.44
C VAL C 167 10.62 -9.06 -7.42
N GLU C 168 9.61 -8.68 -6.63
CA GLU C 168 9.01 -9.61 -5.68
C GLU C 168 8.43 -10.82 -6.40
N LEU C 169 7.83 -10.60 -7.57
CA LEU C 169 7.28 -11.72 -8.33
C LEU C 169 8.38 -12.62 -8.89
N ALA C 170 9.54 -12.04 -9.23
CA ALA C 170 10.62 -12.83 -9.80
C ALA C 170 11.39 -13.61 -8.74
N ILE C 171 11.64 -12.99 -7.58
CA ILE C 171 12.39 -13.67 -6.53
C ILE C 171 11.55 -14.76 -5.88
N LYS C 172 10.23 -14.55 -5.78
CA LYS C 172 9.36 -15.58 -5.22
C LYS C 172 9.42 -16.86 -6.03
N GLU C 173 9.57 -16.74 -7.35
CA GLU C 173 9.71 -17.93 -8.18
C GLU C 173 11.10 -18.52 -8.05
N ASN C 174 12.13 -17.71 -8.27
CA ASN C 174 13.51 -18.17 -8.13
C ASN C 174 14.40 -17.06 -7.56
N ASN C 177 18.54 -15.79 -8.01
CA ASN C 177 18.72 -15.18 -9.33
C ASN C 177 19.59 -13.93 -9.24
N GLU C 178 20.63 -13.87 -10.06
CA GLU C 178 21.53 -12.72 -10.04
C GLU C 178 20.82 -11.47 -10.52
N GLU C 179 20.10 -11.55 -11.64
CA GLU C 179 19.46 -10.37 -12.21
C GLU C 179 18.36 -9.83 -11.30
N ALA C 180 17.61 -10.73 -10.65
CA ALA C 180 16.54 -10.28 -9.76
C ALA C 180 17.10 -9.61 -8.51
N VAL C 181 18.18 -10.15 -7.95
CA VAL C 181 18.79 -9.52 -6.79
C VAL C 181 19.52 -8.24 -7.17
N GLU C 182 20.08 -8.19 -8.39
CA GLU C 182 20.76 -7.00 -8.85
C GLU C 182 19.82 -5.80 -8.89
N THR C 183 18.67 -5.96 -9.55
CA THR C 183 17.69 -4.87 -9.59
C THR C 183 17.01 -4.64 -8.25
N ALA C 184 17.04 -5.65 -7.36
CA ALA C 184 16.41 -5.48 -6.05
C ALA C 184 17.17 -4.47 -5.20
N LYS C 185 18.50 -4.55 -5.18
CA LYS C 185 19.28 -3.60 -4.40
C LYS C 185 19.33 -2.22 -5.06
N ARG C 186 19.18 -2.17 -6.39
CA ARG C 186 19.17 -0.88 -7.07
C ARG C 186 17.90 -0.10 -6.78
N LEU C 187 16.77 -0.81 -6.65
CA LEU C 187 15.51 -0.14 -6.31
C LEU C 187 15.56 0.44 -4.90
N ALA C 188 16.24 -0.26 -3.98
CA ALA C 188 16.37 0.24 -2.62
C ALA C 188 17.14 1.56 -2.59
N GLU C 189 18.23 1.65 -3.36
CA GLU C 189 18.99 2.89 -3.43
C GLU C 189 18.18 3.99 -4.12
N GLU C 190 17.45 3.64 -5.19
CA GLU C 190 16.61 4.62 -5.84
C GLU C 190 15.45 5.06 -4.94
N LEU C 191 14.93 4.14 -4.13
CA LEU C 191 13.89 4.52 -3.17
C LEU C 191 14.44 5.42 -2.07
N ARG C 192 15.70 5.23 -1.67
CA ARG C 192 16.31 6.13 -0.71
C ARG C 192 16.44 7.53 -1.27
N LYS C 193 16.87 7.65 -2.53
CA LYS C 193 16.96 8.97 -3.16
C LYS C 193 15.58 9.62 -3.23
N VAL C 194 14.57 8.85 -3.66
CA VAL C 194 13.20 9.39 -3.71
C VAL C 194 12.72 9.77 -2.32
N ALA C 195 12.98 8.90 -1.33
CA ALA C 195 12.55 9.19 0.04
C ALA C 195 13.21 10.46 0.57
N GLU C 196 14.45 10.73 0.16
CA GLU C 196 15.14 11.92 0.65
C GLU C 196 14.52 13.19 0.08
N LEU C 197 14.42 13.29 -1.25
CA LEU C 197 13.81 14.47 -1.84
C LEU C 197 12.32 14.55 -1.59
N LEU C 198 11.68 13.42 -1.25
CA LEU C 198 10.31 13.50 -0.75
C LEU C 198 10.27 14.18 0.62
N GLU C 199 11.23 13.86 1.48
CA GLU C 199 11.28 14.49 2.79
C GLU C 199 11.79 15.92 2.71
N GLU C 200 12.68 16.20 1.75
CA GLU C 200 13.20 17.56 1.62
C GLU C 200 12.12 18.49 1.09
N ARG C 201 11.31 18.02 0.14
CA ARG C 201 10.23 18.85 -0.37
C ARG C 201 9.12 19.02 0.66
N ALA C 202 8.98 18.04 1.55
CA ALA C 202 8.03 18.19 2.66
C ALA C 202 8.50 19.26 3.63
N LYS C 203 9.81 19.42 3.81
CA LYS C 203 10.31 20.50 4.65
C LYS C 203 10.00 21.85 4.02
N GLU C 204 10.19 21.98 2.71
CA GLU C 204 10.02 23.27 2.06
C GLU C 204 8.55 23.67 1.98
N THR C 205 7.66 22.72 1.67
CA THR C 205 6.28 23.01 1.37
C THR C 205 5.33 22.61 2.49
N GLY C 206 5.84 22.16 3.62
CA GLY C 206 4.99 21.58 4.64
C GLY C 206 4.31 20.34 4.10
N ASP C 207 2.98 20.34 4.05
CA ASP C 207 2.14 19.32 3.44
C ASP C 207 2.28 17.97 4.14
N PRO C 208 1.22 17.48 4.79
CA PRO C 208 1.35 16.20 5.51
C PRO C 208 1.48 15.00 4.59
N GLU C 209 0.85 15.01 3.41
CA GLU C 209 0.87 13.84 2.55
C GLU C 209 2.27 13.52 2.06
N LEU C 210 3.06 14.55 1.73
CA LEU C 210 4.42 14.32 1.26
C LEU C 210 5.26 13.62 2.33
N GLN C 211 5.03 13.95 3.60
CA GLN C 211 5.76 13.29 4.67
C GLN C 211 5.35 11.83 4.78
N GLU C 212 4.06 11.54 4.59
CA GLU C 212 3.61 10.15 4.60
C GLU C 212 4.13 9.38 3.39
N LEU C 213 4.34 10.06 2.27
CA LEU C 213 4.96 9.41 1.12
C LEU C 213 6.40 9.01 1.43
N ALA C 214 7.13 9.87 2.15
CA ALA C 214 8.48 9.52 2.57
C ALA C 214 8.47 8.32 3.51
N LYS C 215 7.44 8.18 4.34
CA LYS C 215 7.30 6.99 5.15
C LYS C 215 7.10 5.75 4.29
N ARG C 216 6.19 5.85 3.31
CA ARG C 216 5.97 4.74 2.39
C ARG C 216 7.22 4.45 1.56
N ALA C 217 7.95 5.49 1.18
CA ALA C 217 9.14 5.31 0.36
C ALA C 217 10.20 4.51 1.10
N LYS C 218 10.48 4.88 2.35
CA LYS C 218 11.44 4.10 3.13
C LYS C 218 10.87 2.74 3.51
N GLU C 219 9.55 2.63 3.63
CA GLU C 219 8.94 1.33 3.90
C GLU C 219 9.11 0.39 2.72
N VAL C 220 8.82 0.87 1.51
CA VAL C 220 9.06 0.07 0.31
C VAL C 220 10.56 -0.16 0.12
N ALA C 221 11.39 0.82 0.51
CA ALA C 221 12.83 0.62 0.46
C ALA C 221 13.27 -0.51 1.37
N ASP C 222 12.66 -0.60 2.55
CA ASP C 222 12.98 -1.71 3.46
C ASP C 222 12.57 -3.04 2.84
N ARG C 223 11.39 -3.10 2.22
CA ARG C 223 10.96 -4.32 1.55
C ARG C 223 11.92 -4.68 0.41
N ALA C 224 12.39 -3.67 -0.32
CA ALA C 224 13.36 -3.92 -1.38
C ALA C 224 14.67 -4.45 -0.83
N ARG C 225 15.05 -4.02 0.37
CA ARG C 225 16.25 -4.56 1.00
C ARG C 225 16.03 -6.00 1.46
N GLU C 226 14.84 -6.29 2.02
CA GLU C 226 14.55 -7.64 2.46
C GLU C 226 14.33 -8.60 1.29
N LEU C 227 14.05 -8.07 0.10
CA LEU C 227 13.99 -8.93 -1.08
C LEU C 227 15.35 -9.52 -1.41
N ALA C 228 16.43 -8.81 -1.08
CA ALA C 228 17.78 -9.34 -1.22
C ALA C 228 18.11 -10.16 0.03
N LYS C 229 19.39 -10.48 0.20
CA LYS C 229 19.87 -11.24 1.35
C LYS C 229 19.16 -12.59 1.48
N GLU D 238 0.31 -18.66 -25.87
CA GLU D 238 0.99 -19.25 -24.73
C GLU D 238 2.46 -18.82 -24.69
N GLN D 239 3.34 -19.68 -25.18
CA GLN D 239 4.76 -19.35 -25.22
C GLN D 239 5.03 -18.20 -26.18
N GLU D 240 4.27 -18.11 -27.27
CA GLU D 240 4.40 -16.95 -28.17
C GLU D 240 3.94 -15.67 -27.49
N ALA D 241 2.92 -15.76 -26.63
CA ALA D 241 2.48 -14.59 -25.89
C ALA D 241 3.52 -14.16 -24.86
N ALA D 242 4.19 -15.12 -24.22
CA ALA D 242 5.24 -14.79 -23.27
C ALA D 242 6.40 -14.10 -23.96
N ARG D 243 6.76 -14.55 -25.16
CA ARG D 243 7.81 -13.87 -25.92
C ARG D 243 7.40 -12.44 -26.25
N LEU D 244 6.13 -12.22 -26.56
CA LEU D 244 5.65 -10.87 -26.86
C LEU D 244 5.66 -9.99 -25.61
N LEU D 245 5.54 -10.59 -24.42
CA LEU D 245 5.64 -9.81 -23.19
C LEU D 245 7.04 -9.23 -23.02
N GLU D 246 8.06 -10.04 -23.28
CA GLU D 246 9.43 -9.55 -23.21
C GLU D 246 9.67 -8.42 -24.20
N LEU D 247 9.05 -8.49 -25.36
CA LEU D 247 9.22 -7.46 -26.38
C LEU D 247 8.43 -6.20 -26.07
N ALA D 248 7.34 -6.32 -25.32
CA ALA D 248 6.61 -5.13 -24.90
C ALA D 248 7.40 -4.33 -23.86
N VAL D 249 8.27 -5.00 -23.10
CA VAL D 249 9.09 -4.30 -22.12
C VAL D 249 10.24 -3.57 -22.80
N GLU D 250 10.89 -4.22 -23.77
CA GLU D 250 11.96 -3.54 -24.51
C GLU D 250 11.39 -2.43 -25.38
N ASP D 251 10.12 -2.54 -25.81
CA ASP D 251 9.47 -1.44 -26.50
C ASP D 251 9.18 -0.30 -25.54
N LEU D 252 8.90 -0.61 -24.27
CA LEU D 252 8.72 0.43 -23.27
C LEU D 252 10.03 1.15 -22.97
N LYS D 253 11.17 0.48 -23.18
CA LYS D 253 12.46 1.14 -23.03
C LYS D 253 12.70 2.14 -24.15
N LEU D 254 12.16 1.88 -25.34
CA LEU D 254 12.40 2.78 -26.47
C LEU D 254 11.73 4.13 -26.25
N VAL D 255 10.43 4.14 -25.97
CA VAL D 255 9.74 5.39 -25.68
C VAL D 255 10.29 6.03 -24.42
N LEU D 256 10.78 5.22 -23.48
CA LEU D 256 11.37 5.77 -22.27
C LEU D 256 12.61 6.59 -22.57
N ASP D 257 13.43 6.14 -23.52
CA ASP D 257 14.62 6.89 -23.88
C ASP D 257 14.29 8.10 -24.74
N ALA D 258 13.30 7.96 -25.64
CA ALA D 258 12.95 9.06 -26.52
C ALA D 258 12.34 10.23 -25.75
N LEU D 259 11.58 9.93 -24.70
CA LEU D 259 10.99 10.99 -23.89
C LEU D 259 12.02 11.65 -22.97
N GLU D 260 13.05 10.91 -22.57
CA GLU D 260 14.13 11.51 -21.81
C GLU D 260 14.96 12.46 -22.65
N LYS D 261 14.96 12.28 -23.97
CA LYS D 261 15.67 13.18 -24.87
C LYS D 261 14.96 14.53 -24.96
#